data_4S1N
#
_entry.id   4S1N
#
_cell.length_a   43.206
_cell.length_b   46.227
_cell.length_c   91.152
_cell.angle_alpha   90.00
_cell.angle_beta   90.00
_cell.angle_gamma   90.00
#
_symmetry.space_group_name_H-M   'P 21 21 21'
#
loop_
_entity.id
_entity.type
_entity.pdbx_description
1 polymer 'Phosphoribosylglycinamide formyltransferase'
2 non-polymer 'CHLORIDE ION'
3 water water
#
_entity_poly.entity_id   1
_entity_poly.type   'polypeptide(L)'
_entity_poly.pdbx_seq_one_letter_code
;SNA(MSE)KKIAVFASGNGSNFQVIAEEFPVEFVFSDHRDAYVLERAKQLGVLSYAFELKEFESKADYEAALVELLEEHQ
IDLVCLAGY(MSE)KIVGPTLLSAYEGRIVNIHPAYLPEFPGAHGIEDAWNAGVGQSGVTIHWVDSGVDTGQVIKQVRVP
RLADDTIDRFEARIHEAEYRLYPEVVKALFTD
;
_entity_poly.pdbx_strand_id   A
#
loop_
_chem_comp.id
_chem_comp.type
_chem_comp.name
_chem_comp.formula
CL non-polymer 'CHLORIDE ION' 'Cl -1'
#
# COMPACT_ATOMS: atom_id res chain seq x y z
N MSE A 4 12.82 8.16 16.00
CA MSE A 4 12.18 8.22 14.69
C MSE A 4 11.97 6.83 14.12
O MSE A 4 12.89 5.99 14.16
CB MSE A 4 13.02 9.07 13.73
CG MSE A 4 12.35 9.34 12.39
SE MSE A 4 13.36 10.59 11.29
CE MSE A 4 14.99 9.55 11.07
N LYS A 5 10.78 6.57 13.60
CA LYS A 5 10.42 5.24 13.11
C LYS A 5 11.11 4.90 11.79
N LYS A 6 11.50 3.63 11.65
CA LYS A 6 12.04 3.13 10.39
C LYS A 6 10.90 2.56 9.55
N ILE A 7 10.76 3.06 8.33
CA ILE A 7 9.62 2.72 7.49
C ILE A 7 9.99 1.75 6.36
N ALA A 8 9.17 0.72 6.19
CA ALA A 8 9.32 -0.21 5.08
C ALA A 8 8.09 -0.13 4.18
N VAL A 9 8.29 -0.34 2.88
CA VAL A 9 7.19 -0.22 1.92
C VAL A 9 6.99 -1.51 1.12
N PHE A 10 5.75 -1.97 1.06
CA PHE A 10 5.40 -3.14 0.24
C PHE A 10 4.64 -2.69 -1.01
N ALA A 11 5.20 -3.00 -2.18
CA ALA A 11 4.56 -2.64 -3.44
C ALA A 11 4.64 -3.80 -4.43
N SER A 12 3.52 -4.10 -5.08
CA SER A 12 3.43 -5.23 -5.98
C SER A 12 3.57 -4.84 -7.45
N GLY A 13 3.32 -3.57 -7.76
CA GLY A 13 3.31 -3.12 -9.14
C GLY A 13 4.19 -1.92 -9.43
N ASN A 14 3.58 -0.88 -10.00
CA ASN A 14 4.30 0.31 -10.42
C ASN A 14 5.01 1.04 -9.28
N GLY A 15 4.39 1.01 -8.10
CA GLY A 15 4.97 1.64 -6.93
C GLY A 15 5.00 3.16 -7.03
N SER A 16 3.90 3.73 -7.50
CA SER A 16 3.78 5.18 -7.64
C SER A 16 3.72 5.85 -6.27
N ASN A 17 3.08 5.18 -5.32
CA ASN A 17 2.97 5.69 -3.96
C ASN A 17 4.31 5.64 -3.24
N PHE A 18 5.10 4.60 -3.53
CA PHE A 18 6.43 4.46 -2.97
C PHE A 18 7.32 5.63 -3.40
N GLN A 19 7.13 6.08 -4.63
CA GLN A 19 7.89 7.20 -5.17
C GLN A 19 7.67 8.45 -4.34
N VAL A 20 6.44 8.69 -3.94
CA VAL A 20 6.09 9.88 -3.19
C VAL A 20 6.58 9.80 -1.74
N ILE A 21 6.45 8.62 -1.14
CA ILE A 21 6.87 8.39 0.25
C ILE A 21 8.38 8.53 0.41
N ALA A 22 9.12 7.92 -0.52
CA ALA A 22 10.59 7.90 -0.47
C ALA A 22 11.22 9.28 -0.68
N GLU A 23 10.45 10.20 -1.24
CA GLU A 23 10.95 11.55 -1.53
C GLU A 23 10.79 12.49 -0.34
N GLU A 24 9.90 12.14 0.58
CA GLU A 24 9.62 12.99 1.73
C GLU A 24 9.88 12.26 3.05
N PHE A 25 10.14 10.96 2.97
CA PHE A 25 10.44 10.16 4.15
C PHE A 25 11.55 9.16 3.87
N PRO A 26 12.51 9.04 4.79
CA PRO A 26 13.60 8.07 4.68
C PRO A 26 13.06 6.64 4.74
N VAL A 27 13.26 5.88 3.68
CA VAL A 27 12.77 4.50 3.62
C VAL A 27 13.91 3.50 3.81
N GLU A 28 13.76 2.63 4.80
CA GLU A 28 14.78 1.63 5.09
C GLU A 28 14.96 0.68 3.90
N PHE A 29 13.85 0.12 3.44
CA PHE A 29 13.85 -0.72 2.24
C PHE A 29 12.45 -0.85 1.65
N VAL A 30 12.37 -1.37 0.44
CA VAL A 30 11.09 -1.61 -0.22
C VAL A 30 11.01 -3.03 -0.76
N PHE A 31 9.91 -3.73 -0.46
CA PHE A 31 9.75 -5.11 -0.89
C PHE A 31 8.72 -5.24 -2.01
N SER A 32 8.95 -6.20 -2.90
CA SER A 32 8.01 -6.50 -3.97
C SER A 32 7.85 -8.00 -4.14
N ASP A 33 6.60 -8.45 -4.28
CA ASP A 33 6.32 -9.86 -4.52
C ASP A 33 6.43 -10.22 -6.00
N HIS A 34 6.88 -9.25 -6.79
CA HIS A 34 7.13 -9.46 -8.20
C HIS A 34 8.54 -9.00 -8.56
N ARG A 35 9.34 -9.91 -9.11
CA ARG A 35 10.73 -9.61 -9.44
C ARG A 35 10.86 -8.72 -10.68
N ASP A 36 9.74 -8.46 -11.34
CA ASP A 36 9.75 -7.64 -12.56
C ASP A 36 8.89 -6.39 -12.40
N ALA A 37 8.47 -6.12 -11.16
CA ALA A 37 7.67 -4.93 -10.88
C ALA A 37 8.49 -3.67 -11.09
N TYR A 38 7.83 -2.59 -11.52
CA TYR A 38 8.52 -1.36 -11.84
C TYR A 38 8.98 -0.61 -10.57
N VAL A 39 8.43 -0.99 -9.43
CA VAL A 39 8.80 -0.36 -8.17
C VAL A 39 10.27 -0.61 -7.84
N LEU A 40 10.83 -1.68 -8.39
CA LEU A 40 12.24 -1.99 -8.22
C LEU A 40 13.10 -1.00 -8.98
N GLU A 41 12.59 -0.53 -10.11
CA GLU A 41 13.29 0.46 -10.93
C GLU A 41 13.38 1.80 -10.21
N ARG A 42 12.28 2.20 -9.58
CA ARG A 42 12.23 3.46 -8.83
C ARG A 42 13.20 3.45 -7.67
N ALA A 43 13.24 2.34 -6.94
CA ALA A 43 14.13 2.19 -5.80
C ALA A 43 15.59 2.32 -6.21
N LYS A 44 15.91 1.82 -7.40
CA LYS A 44 17.27 1.88 -7.93
C LYS A 44 17.66 3.32 -8.26
N GLN A 45 16.67 4.12 -8.65
CA GLN A 45 16.90 5.51 -9.01
C GLN A 45 16.96 6.40 -7.77
N LEU A 46 16.17 6.06 -6.75
CA LEU A 46 16.14 6.84 -5.52
C LEU A 46 17.23 6.41 -4.55
N GLY A 47 17.93 5.34 -4.88
CA GLY A 47 18.99 4.82 -4.03
C GLY A 47 18.43 4.16 -2.78
N VAL A 48 17.27 3.53 -2.93
CA VAL A 48 16.62 2.85 -1.81
C VAL A 48 16.79 1.34 -1.90
N LEU A 49 17.16 0.73 -0.79
CA LEU A 49 17.34 -0.71 -0.71
C LEU A 49 16.07 -1.44 -1.12
N SER A 50 16.20 -2.53 -1.87
CA SER A 50 15.04 -3.24 -2.37
C SER A 50 15.21 -4.76 -2.38
N TYR A 51 14.27 -5.46 -1.74
CA TYR A 51 14.26 -6.91 -1.74
C TYR A 51 13.09 -7.40 -2.59
N ALA A 52 13.20 -8.61 -3.12
CA ALA A 52 12.16 -9.16 -3.98
C ALA A 52 12.19 -10.69 -4.05
N PHE A 53 11.06 -11.31 -3.69
CA PHE A 53 10.88 -12.74 -3.89
C PHE A 53 9.39 -13.07 -4.07
N GLU A 54 9.11 -14.09 -4.86
CA GLU A 54 7.73 -14.42 -5.20
C GLU A 54 7.19 -15.60 -4.39
N LEU A 55 5.87 -15.78 -4.44
CA LEU A 55 5.19 -16.83 -3.70
C LEU A 55 5.51 -18.21 -4.28
N LYS A 56 5.90 -18.23 -5.55
CA LYS A 56 6.23 -19.47 -6.25
C LYS A 56 7.47 -20.14 -5.66
N GLU A 57 8.29 -19.34 -4.98
CA GLU A 57 9.56 -19.80 -4.46
C GLU A 57 9.43 -20.40 -3.06
N PHE A 58 8.20 -20.57 -2.59
CA PHE A 58 7.98 -21.08 -1.24
C PHE A 58 6.99 -22.25 -1.22
N GLU A 59 7.05 -23.04 -0.15
CA GLU A 59 6.17 -24.19 -0.01
C GLU A 59 4.75 -23.76 0.34
N SER A 60 4.64 -22.70 1.14
CA SER A 60 3.35 -22.16 1.53
C SER A 60 3.43 -20.66 1.73
N LYS A 61 2.28 -20.05 2.03
CA LYS A 61 2.23 -18.62 2.28
C LYS A 61 2.86 -18.29 3.63
N ALA A 62 2.80 -19.26 4.56
CA ALA A 62 3.38 -19.08 5.89
C ALA A 62 4.89 -18.92 5.81
N ASP A 63 5.53 -19.73 4.97
CA ASP A 63 6.97 -19.65 4.77
C ASP A 63 7.33 -18.36 4.01
N TYR A 64 6.42 -17.95 3.13
CA TYR A 64 6.60 -16.72 2.38
C TYR A 64 6.60 -15.50 3.30
N GLU A 65 5.66 -15.47 4.24
CA GLU A 65 5.55 -14.36 5.17
C GLU A 65 6.58 -14.47 6.29
N ALA A 66 7.11 -15.68 6.50
CA ALA A 66 8.16 -15.89 7.50
C ALA A 66 9.44 -15.20 7.05
N ALA A 67 9.69 -15.20 5.75
CA ALA A 67 10.85 -14.53 5.18
C ALA A 67 10.69 -13.03 5.26
N LEU A 68 9.45 -12.57 5.23
CA LEU A 68 9.13 -11.16 5.36
C LEU A 68 9.37 -10.67 6.78
N VAL A 69 8.92 -11.46 7.76
CA VAL A 69 9.08 -11.12 9.17
C VAL A 69 10.56 -11.04 9.54
N GLU A 70 11.34 -12.02 9.12
CA GLU A 70 12.78 -12.03 9.36
C GLU A 70 13.45 -10.82 8.72
N LEU A 71 12.95 -10.42 7.56
CA LEU A 71 13.50 -9.28 6.83
C LEU A 71 13.17 -7.98 7.55
N LEU A 72 11.96 -7.90 8.10
CA LEU A 72 11.52 -6.71 8.82
C LEU A 72 12.28 -6.58 10.14
N GLU A 73 12.43 -7.68 10.85
CA GLU A 73 13.10 -7.69 12.15
C GLU A 73 14.59 -7.38 12.02
N GLU A 74 15.16 -7.71 10.87
CA GLU A 74 16.58 -7.48 10.63
C GLU A 74 16.87 -6.00 10.47
N HIS A 75 15.93 -5.26 9.91
CA HIS A 75 16.10 -3.83 9.68
C HIS A 75 15.43 -2.98 10.76
N GLN A 76 14.94 -3.65 11.81
CA GLN A 76 14.28 -2.98 12.93
C GLN A 76 13.13 -2.09 12.48
N ILE A 77 12.29 -2.61 11.59
CA ILE A 77 11.17 -1.86 11.05
C ILE A 77 10.11 -1.57 12.11
N ASP A 78 9.69 -0.30 12.20
CA ASP A 78 8.70 0.11 13.18
C ASP A 78 7.33 0.31 12.54
N LEU A 79 7.32 0.50 11.22
CA LEU A 79 6.08 0.74 10.49
C LEU A 79 6.16 0.21 9.06
N VAL A 80 5.14 -0.56 8.66
CA VAL A 80 5.09 -1.12 7.32
C VAL A 80 3.97 -0.49 6.51
N CYS A 81 4.35 0.24 5.46
CA CYS A 81 3.38 0.89 4.58
C CYS A 81 3.08 0.04 3.35
N LEU A 82 1.82 -0.37 3.21
CA LEU A 82 1.39 -1.12 2.04
C LEU A 82 1.00 -0.16 0.92
N ALA A 83 1.92 0.04 -0.03
CA ALA A 83 1.67 0.96 -1.13
C ALA A 83 1.49 0.22 -2.45
N GLY A 84 0.31 -0.38 -2.62
CA GLY A 84 0.01 -1.13 -3.82
C GLY A 84 0.34 -2.61 -3.67
N TYR A 85 0.23 -3.11 -2.44
CA TYR A 85 0.49 -4.52 -2.16
C TYR A 85 -0.78 -5.34 -2.39
N MSE A 86 -0.84 -6.02 -3.52
CA MSE A 86 -2.05 -6.74 -3.93
C MSE A 86 -2.11 -8.16 -3.39
O MSE A 86 -2.49 -9.10 -4.10
CB MSE A 86 -2.16 -6.76 -5.44
CG MSE A 86 -2.23 -5.38 -6.09
SE MSE A 86 -3.83 -4.37 -5.59
CE MSE A 86 -3.10 -3.31 -4.13
N LYS A 87 -1.75 -8.34 -2.12
CA LYS A 87 -1.79 -9.65 -1.49
C LYS A 87 -2.29 -9.55 -0.05
N ILE A 88 -3.15 -10.49 0.33
CA ILE A 88 -3.72 -10.51 1.67
C ILE A 88 -2.64 -10.77 2.72
N VAL A 89 -2.68 -9.99 3.80
CA VAL A 89 -1.74 -10.18 4.89
C VAL A 89 -2.17 -11.34 5.78
N GLY A 90 -1.41 -12.44 5.72
CA GLY A 90 -1.74 -13.63 6.49
C GLY A 90 -1.45 -13.50 7.97
N PRO A 91 -1.82 -14.53 8.75
CA PRO A 91 -1.66 -14.52 10.21
C PRO A 91 -0.20 -14.55 10.65
N THR A 92 0.68 -15.03 9.77
CA THR A 92 2.11 -15.10 10.08
C THR A 92 2.69 -13.69 10.22
N LEU A 93 2.31 -12.81 9.30
CA LEU A 93 2.80 -11.44 9.29
C LEU A 93 2.04 -10.59 10.30
N LEU A 94 0.77 -10.91 10.50
CA LEU A 94 -0.07 -10.17 11.45
C LEU A 94 0.36 -10.40 12.89
N SER A 95 0.84 -11.61 13.18
CA SER A 95 1.26 -11.96 14.53
C SER A 95 2.51 -11.19 14.95
N ALA A 96 3.27 -10.72 13.98
CA ALA A 96 4.51 -10.01 14.25
C ALA A 96 4.33 -8.49 14.22
N TYR A 97 3.50 -8.02 13.30
CA TYR A 97 3.33 -6.57 13.11
C TYR A 97 1.87 -6.13 13.18
N GLU A 98 1.17 -6.53 14.23
CA GLU A 98 -0.20 -6.10 14.45
C GLU A 98 -0.23 -4.69 15.00
N GLY A 99 -0.96 -3.80 14.32
CA GLY A 99 -1.04 -2.41 14.73
C GLY A 99 0.18 -1.62 14.30
N ARG A 100 0.96 -2.20 13.40
CA ARG A 100 2.17 -1.55 12.89
C ARG A 100 2.17 -1.57 11.37
N ILE A 101 1.04 -1.95 10.78
CA ILE A 101 0.90 -2.01 9.33
C ILE A 101 -0.24 -1.12 8.85
N VAL A 102 0.09 -0.14 8.01
CA VAL A 102 -0.91 0.73 7.42
C VAL A 102 -1.10 0.40 5.93
N ASN A 103 -2.27 0.70 5.41
CA ASN A 103 -2.57 0.44 4.01
C ASN A 103 -3.43 1.53 3.38
N ILE A 104 -3.16 1.83 2.11
CA ILE A 104 -3.96 2.78 1.38
C ILE A 104 -4.89 2.06 0.40
N HIS A 105 -6.10 2.59 0.25
CA HIS A 105 -7.10 1.94 -0.60
C HIS A 105 -7.80 2.98 -1.48
N PRO A 106 -7.87 2.71 -2.80
CA PRO A 106 -8.46 3.62 -3.77
C PRO A 106 -10.00 3.61 -3.74
N ALA A 107 -10.57 3.64 -2.54
CA ALA A 107 -12.02 3.67 -2.38
C ALA A 107 -12.37 4.19 -0.99
N TYR A 108 -13.50 4.90 -0.89
CA TYR A 108 -13.95 5.45 0.38
C TYR A 108 -14.56 4.35 1.23
N LEU A 109 -13.72 3.60 1.94
CA LEU A 109 -14.14 2.46 2.75
C LEU A 109 -15.29 2.81 3.71
N PRO A 110 -16.20 1.85 3.95
CA PRO A 110 -16.17 0.47 3.43
C PRO A 110 -16.78 0.32 2.04
N GLU A 111 -16.92 1.41 1.30
CA GLU A 111 -17.45 1.35 -0.06
C GLU A 111 -16.42 0.75 -1.02
N PHE A 112 -16.86 -0.25 -1.78
CA PHE A 112 -16.03 -0.89 -2.81
C PHE A 112 -14.66 -1.38 -2.31
N PRO A 113 -14.65 -2.37 -1.42
CA PRO A 113 -13.37 -2.93 -0.97
C PRO A 113 -12.89 -4.01 -1.92
N GLY A 114 -11.60 -4.35 -1.86
CA GLY A 114 -11.06 -5.41 -2.70
C GLY A 114 -9.83 -5.01 -3.49
N ALA A 115 -9.53 -5.79 -4.52
CA ALA A 115 -8.35 -5.56 -5.34
C ALA A 115 -8.57 -4.48 -6.39
N HIS A 116 -9.79 -4.43 -6.92
CA HIS A 116 -10.13 -3.46 -7.97
C HIS A 116 -11.27 -2.54 -7.53
N GLY A 117 -11.00 -1.73 -6.51
CA GLY A 117 -11.99 -0.82 -5.97
C GLY A 117 -12.33 0.32 -6.91
N ILE A 118 -11.44 0.60 -7.85
CA ILE A 118 -11.65 1.67 -8.82
C ILE A 118 -12.66 1.25 -9.89
N GLU A 119 -12.48 0.04 -10.41
CA GLU A 119 -13.38 -0.49 -11.43
C GLU A 119 -14.78 -0.76 -10.86
N ASP A 120 -14.82 -1.20 -9.61
CA ASP A 120 -16.08 -1.47 -8.93
C ASP A 120 -16.92 -0.20 -8.76
N ALA A 121 -16.24 0.90 -8.45
CA ALA A 121 -16.91 2.18 -8.25
C ALA A 121 -17.28 2.82 -9.59
N TRP A 122 -16.50 2.53 -10.62
CA TRP A 122 -16.73 3.11 -11.93
C TRP A 122 -17.87 2.39 -12.66
N ASN A 123 -17.96 1.08 -12.45
CA ASN A 123 -19.02 0.28 -13.05
C ASN A 123 -20.35 0.46 -12.33
N ALA A 124 -20.28 0.94 -11.09
CA ALA A 124 -21.48 1.17 -10.29
C ALA A 124 -22.20 2.45 -10.71
N GLY A 125 -21.41 3.47 -11.06
CA GLY A 125 -21.97 4.73 -11.52
C GLY A 125 -22.17 5.72 -10.38
N VAL A 126 -21.47 5.50 -9.27
CA VAL A 126 -21.57 6.37 -8.11
C VAL A 126 -20.95 7.73 -8.40
N GLY A 127 -21.59 8.79 -7.90
CA GLY A 127 -21.13 10.15 -8.12
C GLY A 127 -19.78 10.47 -7.49
N GLN A 128 -19.48 9.80 -6.38
CA GLN A 128 -18.23 10.05 -5.66
C GLN A 128 -17.62 8.77 -5.11
N SER A 129 -16.30 8.64 -5.25
CA SER A 129 -15.56 7.53 -4.65
C SER A 129 -14.75 8.05 -3.47
N GLY A 130 -13.44 7.82 -3.48
CA GLY A 130 -12.58 8.33 -2.44
C GLY A 130 -11.29 7.57 -2.23
N VAL A 131 -10.54 7.99 -1.21
CA VAL A 131 -9.28 7.34 -0.85
C VAL A 131 -9.24 7.10 0.66
N THR A 132 -8.89 5.87 1.05
CA THR A 132 -8.89 5.52 2.46
C THR A 132 -7.56 4.95 2.93
N ILE A 133 -7.01 5.53 3.99
CA ILE A 133 -5.80 5.00 4.63
C ILE A 133 -6.16 4.47 6.00
N HIS A 134 -5.82 3.22 6.26
CA HIS A 134 -6.25 2.55 7.49
C HIS A 134 -5.21 1.55 7.99
N TRP A 135 -5.46 1.03 9.19
CA TRP A 135 -4.62 -0.03 9.74
C TRP A 135 -5.05 -1.38 9.19
N VAL A 136 -4.19 -2.38 9.32
CA VAL A 136 -4.49 -3.71 8.78
C VAL A 136 -4.72 -4.73 9.89
N ASP A 137 -5.86 -5.40 9.85
CA ASP A 137 -6.18 -6.46 10.79
C ASP A 137 -6.37 -7.78 10.07
N SER A 138 -7.13 -8.68 10.67
CA SER A 138 -7.38 -9.99 10.09
C SER A 138 -8.31 -9.92 8.87
N GLY A 139 -9.28 -9.01 8.92
CA GLY A 139 -10.24 -8.87 7.85
C GLY A 139 -9.71 -8.11 6.65
N VAL A 140 -10.42 -8.23 5.54
CA VAL A 140 -10.04 -7.54 4.31
C VAL A 140 -10.57 -6.12 4.27
N ASP A 141 -9.67 -5.15 4.43
CA ASP A 141 -10.02 -3.73 4.43
C ASP A 141 -11.06 -3.39 5.50
N THR A 142 -10.89 -3.97 6.68
CA THR A 142 -11.82 -3.73 7.78
C THR A 142 -11.10 -3.16 9.00
N GLY A 143 -9.95 -2.54 8.77
CA GLY A 143 -9.17 -1.96 9.85
C GLY A 143 -9.65 -0.56 10.23
N GLN A 144 -9.08 -0.02 11.30
CA GLN A 144 -9.45 1.31 11.76
C GLN A 144 -9.01 2.39 10.78
N VAL A 145 -9.98 3.20 10.35
CA VAL A 145 -9.70 4.27 9.38
C VAL A 145 -8.90 5.40 10.00
N ILE A 146 -7.82 5.79 9.33
CA ILE A 146 -6.96 6.86 9.81
C ILE A 146 -7.31 8.18 9.13
N LYS A 147 -7.58 8.13 7.84
CA LYS A 147 -7.88 9.32 7.06
C LYS A 147 -8.71 8.99 5.82
N GLN A 148 -9.76 9.78 5.57
CA GLN A 148 -10.62 9.57 4.42
C GLN A 148 -10.97 10.87 3.71
N VAL A 149 -10.93 10.84 2.38
CA VAL A 149 -11.35 11.97 1.56
C VAL A 149 -12.22 11.49 0.41
N ARG A 150 -13.09 12.36 -0.09
CA ARG A 150 -13.97 12.02 -1.20
C ARG A 150 -13.39 12.44 -2.54
N VAL A 151 -13.52 11.57 -3.53
CA VAL A 151 -13.06 11.87 -4.89
C VAL A 151 -14.25 11.85 -5.85
N PRO A 152 -14.55 13.02 -6.46
CA PRO A 152 -15.72 13.18 -7.33
C PRO A 152 -15.57 12.51 -8.69
N ARG A 153 -16.71 12.23 -9.33
CA ARG A 153 -16.74 11.66 -10.66
C ARG A 153 -17.30 12.69 -11.64
N LEU A 154 -16.57 12.96 -12.71
CA LEU A 154 -16.98 13.97 -13.68
C LEU A 154 -17.85 13.39 -14.80
N ALA A 155 -18.34 14.27 -15.66
CA ALA A 155 -19.20 13.87 -16.77
C ALA A 155 -18.38 13.32 -17.93
N ASP A 156 -17.36 14.07 -18.34
CA ASP A 156 -16.48 13.64 -19.43
C ASP A 156 -15.34 12.79 -18.88
N ASP A 157 -15.65 11.96 -17.89
CA ASP A 157 -14.65 11.13 -17.23
C ASP A 157 -14.53 9.75 -17.87
N THR A 158 -13.32 9.43 -18.31
CA THR A 158 -13.01 8.09 -18.79
C THR A 158 -12.49 7.30 -17.60
N ILE A 159 -12.28 6.00 -17.78
CA ILE A 159 -11.75 5.17 -16.69
C ILE A 159 -10.29 5.51 -16.42
N ASP A 160 -9.65 6.18 -17.38
CA ASP A 160 -8.27 6.63 -17.22
C ASP A 160 -8.22 7.95 -16.45
N ARG A 161 -9.11 8.87 -16.81
CA ARG A 161 -9.17 10.17 -16.15
C ARG A 161 -9.61 10.04 -14.69
N PHE A 162 -10.54 9.13 -14.44
CA PHE A 162 -11.08 8.91 -13.11
C PHE A 162 -10.05 8.24 -12.20
N GLU A 163 -9.32 7.27 -12.75
CA GLU A 163 -8.29 6.56 -12.00
C GLU A 163 -7.15 7.48 -11.63
N ALA A 164 -6.85 8.42 -12.52
CA ALA A 164 -5.75 9.37 -12.31
C ALA A 164 -6.07 10.34 -11.18
N ARG A 165 -7.35 10.68 -11.03
CA ARG A 165 -7.78 11.60 -10.00
C ARG A 165 -7.65 10.96 -8.61
N ILE A 166 -7.93 9.66 -8.55
CA ILE A 166 -7.83 8.92 -7.30
C ILE A 166 -6.37 8.78 -6.88
N HIS A 167 -5.51 8.44 -7.85
CA HIS A 167 -4.09 8.27 -7.58
C HIS A 167 -3.43 9.56 -7.13
N GLU A 168 -3.85 10.67 -7.71
CA GLU A 168 -3.34 11.99 -7.32
C GLU A 168 -3.76 12.32 -5.89
N ALA A 169 -4.94 11.87 -5.51
CA ALA A 169 -5.43 12.05 -4.15
C ALA A 169 -4.63 11.20 -3.18
N GLU A 170 -4.13 10.08 -3.68
CA GLU A 170 -3.30 9.18 -2.89
C GLU A 170 -1.90 9.75 -2.66
N TYR A 171 -1.41 10.51 -3.65
CA TYR A 171 -0.07 11.06 -3.58
C TYR A 171 0.03 12.21 -2.58
N ARG A 172 -1.11 12.82 -2.27
CA ARG A 172 -1.15 13.95 -1.36
C ARG A 172 -1.58 13.54 0.04
N LEU A 173 -2.35 12.46 0.11
CA LEU A 173 -2.90 12.01 1.39
C LEU A 173 -1.88 11.17 2.16
N TYR A 174 -1.22 10.26 1.45
CA TYR A 174 -0.27 9.33 2.06
C TYR A 174 0.88 9.99 2.85
N PRO A 175 1.57 10.99 2.26
CA PRO A 175 2.65 11.62 3.04
C PRO A 175 2.10 12.36 4.26
N GLU A 176 0.92 12.95 4.11
CA GLU A 176 0.28 13.68 5.20
C GLU A 176 -0.03 12.77 6.38
N VAL A 177 -0.59 11.61 6.11
CA VAL A 177 -0.95 10.65 7.14
C VAL A 177 0.29 10.08 7.83
N VAL A 178 1.28 9.70 7.02
CA VAL A 178 2.54 9.19 7.53
C VAL A 178 3.24 10.23 8.40
N LYS A 179 3.16 11.49 7.98
CA LYS A 179 3.79 12.60 8.69
C LYS A 179 3.31 12.69 10.14
N ALA A 180 2.05 12.33 10.37
CA ALA A 180 1.49 12.36 11.71
C ALA A 180 1.84 11.10 12.50
N LEU A 181 2.02 9.99 11.78
CA LEU A 181 2.31 8.70 12.41
C LEU A 181 3.81 8.45 12.55
N PHE A 182 4.61 9.16 11.76
CA PHE A 182 6.06 8.98 11.76
C PHE A 182 6.67 9.39 13.11
N THR A 183 6.04 10.34 13.78
CA THR A 183 6.53 10.82 15.05
C THR A 183 5.38 11.19 15.99
CL CL B . -6.37 -2.50 -1.25
CL CL C . 1.43 2.63 -6.53
CL CL D . -3.77 2.04 -5.57
#